data_7DHP
#
_entry.id   7DHP
#
_cell.length_a   70.490
_cell.length_b   70.490
_cell.length_c   111.330
_cell.angle_alpha   90.000
_cell.angle_beta   90.000
_cell.angle_gamma   90.000
#
_symmetry.space_group_name_H-M   'P 43 21 2'
#
loop_
_entity.id
_entity.type
_entity.pdbx_description
1 polymer 'Endoribonuclease MazF'
2 non-polymer 'SULFATE ION'
3 water water
#
_entity_poly.entity_id   1
_entity_poly.type   'polypeptide(L)'
_entity_poly.pdbx_seq_one_letter_code
;MGSSHHHHHHSSGLVPRGSHMVSDYVPDAGHLVWLNFTPQAGHEQGGRRPALVLSPAAYNGVTGLMQACPVTSRAKGYPF
EVTLPAHLGVSGVVLADHCRSLDWRSRRAEQLAEAPADVLAEVRGKLGSLLGMSEKA
;
_entity_poly.pdbx_strand_id   A,B
#
# COMPACT_ATOMS: atom_id res chain seq x y z
N ASP A 24 23.40 7.64 -2.00
CA ASP A 24 23.02 6.43 -2.72
C ASP A 24 22.17 5.52 -1.85
N TYR A 25 21.48 6.08 -0.88
CA TYR A 25 20.70 5.25 0.02
C TYR A 25 19.52 4.64 -0.72
N VAL A 26 19.34 3.36 -0.51
CA VAL A 26 18.12 2.64 -0.99
C VAL A 26 17.47 2.12 0.28
N PRO A 27 16.20 2.47 0.56
CA PRO A 27 15.55 1.98 1.72
C PRO A 27 15.43 0.45 1.66
N ASP A 28 15.56 -0.14 2.84
CA ASP A 28 15.43 -1.60 2.94
C ASP A 28 14.34 -1.90 3.96
N ALA A 29 13.85 -3.12 3.89
CA ALA A 29 12.79 -3.61 4.79
C ALA A 29 13.27 -3.41 6.22
N GLY A 30 12.40 -2.85 7.02
CA GLY A 30 12.70 -2.60 8.39
C GLY A 30 13.29 -1.26 8.64
N HIS A 31 13.75 -0.57 7.63
CA HIS A 31 14.25 0.76 7.85
C HIS A 31 13.12 1.66 8.22
N LEU A 32 13.45 2.60 9.09
CA LEU A 32 12.58 3.72 9.33
C LEU A 32 13.19 4.88 8.61
N VAL A 33 12.43 5.50 7.76
CA VAL A 33 12.91 6.58 6.96
C VAL A 33 12.04 7.77 7.20
N TRP A 34 12.52 8.94 7.00
CA TRP A 34 11.68 10.10 6.98
C TRP A 34 11.20 10.25 5.60
N LEU A 35 9.92 10.53 5.43
CA LEU A 35 9.34 10.55 4.11
C LEU A 35 8.20 11.55 4.11
N ASN A 36 7.90 12.09 2.96
CA ASN A 36 6.74 12.92 2.83
C ASN A 36 5.60 12.09 2.31
N PHE A 37 4.59 11.93 3.15
CA PHE A 37 3.36 11.19 2.75
C PHE A 37 2.43 12.10 1.95
N THR A 38 2.84 13.36 1.81
CA THR A 38 2.11 14.30 0.95
C THR A 38 2.88 14.29 -0.39
N PRO A 39 2.28 14.18 -1.58
CA PRO A 39 0.84 14.30 -1.77
C PRO A 39 0.05 13.04 -1.41
N GLN A 40 -1.16 13.31 -0.96
CA GLN A 40 -2.14 12.27 -0.62
C GLN A 40 -3.52 12.86 -0.90
N ALA A 41 -4.52 12.03 -0.76
CA ALA A 41 -5.88 12.46 -0.94
C ALA A 41 -6.65 12.16 0.30
N GLY A 42 -7.56 13.08 0.64
CA GLY A 42 -8.59 12.74 1.61
C GLY A 42 -8.02 12.34 2.93
N HIS A 43 -8.51 11.20 3.42
CA HIS A 43 -8.15 10.60 4.73
C HIS A 43 -6.83 9.82 4.67
N GLU A 44 -6.15 9.79 3.51
CA GLU A 44 -4.87 9.11 3.46
C GLU A 44 -3.89 9.85 4.30
N GLN A 45 -2.98 9.12 4.88
CA GLN A 45 -2.00 9.78 5.72
C GLN A 45 -1.12 10.65 4.85
N GLY A 46 -0.95 11.89 5.29
CA GLY A 46 -0.06 12.80 4.65
C GLY A 46 1.03 13.22 5.60
N GLY A 47 1.84 14.14 5.12
CA GLY A 47 2.79 14.81 5.95
C GLY A 47 4.12 14.14 5.99
N ARG A 48 5.12 14.91 6.36
CA ARG A 48 6.46 14.40 6.53
C ARG A 48 6.59 13.76 7.88
N ARG A 49 7.10 12.55 7.89
CA ARG A 49 7.09 11.79 9.10
C ARG A 49 7.90 10.54 8.83
N PRO A 50 8.17 9.76 9.83
CA PRO A 50 8.84 8.51 9.58
C PRO A 50 7.93 7.53 8.89
N ALA A 51 8.56 6.51 8.36
CA ALA A 51 7.87 5.47 7.65
C ALA A 51 8.64 4.22 7.89
N LEU A 52 7.96 3.16 8.08
CA LEU A 52 8.57 1.84 8.20
C LEU A 52 8.50 1.17 6.85
N VAL A 53 9.63 0.82 6.33
CA VAL A 53 9.71 0.23 5.00
C VAL A 53 9.47 -1.25 5.13
N LEU A 54 8.58 -1.78 4.31
CA LEU A 54 8.34 -3.20 4.35
C LEU A 54 8.94 -3.96 3.20
N SER A 55 9.07 -3.34 2.08
CA SER A 55 9.60 -3.99 0.92
C SER A 55 11.12 -3.95 0.94
N PRO A 56 11.74 -4.89 0.29
CA PRO A 56 13.18 -5.02 0.41
C PRO A 56 13.88 -4.10 -0.53
N ALA A 57 15.12 -3.80 -0.19
CA ALA A 57 15.85 -2.88 -0.99
C ALA A 57 16.01 -3.36 -2.43
N ALA A 58 16.06 -4.66 -2.67
CA ALA A 58 16.19 -5.11 -4.05
C ALA A 58 15.04 -4.60 -4.87
N TYR A 59 13.83 -4.62 -4.30
CA TYR A 59 12.69 -4.07 -5.01
C TYR A 59 12.74 -2.57 -5.00
N ASN A 60 13.04 -2.01 -3.86
CA ASN A 60 12.98 -0.56 -3.73
C ASN A 60 13.96 0.08 -4.66
N GLY A 61 15.11 -0.58 -4.86
CA GLY A 61 16.15 0.03 -5.64
C GLY A 61 15.92 -0.20 -7.10
N VAL A 62 15.20 -1.23 -7.50
CA VAL A 62 14.97 -1.38 -8.91
C VAL A 62 13.81 -0.57 -9.37
N THR A 63 12.83 -0.32 -8.52
CA THR A 63 11.62 0.37 -8.94
C THR A 63 11.65 1.82 -8.56
N GLY A 64 12.37 2.20 -7.54
CA GLY A 64 12.22 3.51 -6.97
C GLY A 64 10.94 3.66 -6.18
N LEU A 65 10.25 2.57 -5.97
CA LEU A 65 9.07 2.55 -5.12
C LEU A 65 9.38 1.71 -3.94
N MET A 66 8.56 1.84 -2.93
CA MET A 66 8.65 0.93 -1.80
C MET A 66 7.27 0.87 -1.21
N GLN A 67 7.05 -0.14 -0.42
CA GLN A 67 5.87 -0.21 0.41
C GLN A 67 6.32 0.19 1.78
N ALA A 68 5.66 1.19 2.31
CA ALA A 68 6.02 1.60 3.66
C ALA A 68 4.78 2.12 4.35
N CYS A 69 4.86 2.06 5.66
CA CYS A 69 3.79 2.51 6.48
C CYS A 69 4.21 3.76 7.18
N PRO A 70 3.34 4.73 7.29
CA PRO A 70 3.66 5.96 7.99
C PRO A 70 3.70 5.74 9.48
N VAL A 71 4.43 6.57 10.14
CA VAL A 71 4.55 6.60 11.57
C VAL A 71 3.98 7.92 12.04
N THR A 72 3.28 7.87 13.16
CA THR A 72 2.89 9.09 13.80
C THR A 72 3.38 9.02 15.23
N SER A 73 3.74 10.18 15.75
CA SER A 73 4.16 10.16 17.14
C SER A 73 2.98 10.31 18.06
N ARG A 74 1.81 10.53 17.48
CA ARG A 74 0.55 10.71 18.22
C ARG A 74 -0.41 9.58 17.87
N ALA A 75 -0.31 8.53 18.66
CA ALA A 75 -1.18 7.37 18.45
C ALA A 75 -2.67 7.71 18.68
N LYS A 76 -3.54 7.16 17.82
CA LYS A 76 -4.98 7.20 18.05
C LYS A 76 -5.41 6.08 18.98
N GLY A 77 -4.54 5.11 19.21
CA GLY A 77 -4.84 4.03 20.13
C GLY A 77 -5.62 2.90 19.51
N TYR A 78 -5.43 2.61 18.25
CA TYR A 78 -6.18 1.54 17.61
C TYR A 78 -5.26 0.39 17.34
N PRO A 79 -5.77 -0.82 17.18
CA PRO A 79 -4.91 -2.00 17.20
C PRO A 79 -3.94 -2.07 16.06
N PHE A 80 -4.25 -1.48 14.92
CA PHE A 80 -3.32 -1.57 13.82
C PHE A 80 -2.16 -0.62 13.97
N GLU A 81 -2.12 0.18 15.00
CA GLU A 81 -0.91 0.91 15.31
C GLU A 81 0.06 -0.03 15.97
N VAL A 82 1.29 0.07 15.59
CA VAL A 82 2.34 -0.74 16.20
C VAL A 82 3.32 0.19 16.83
N THR A 83 3.49 0.08 18.13
CA THR A 83 4.35 1.02 18.82
C THR A 83 5.82 0.72 18.54
N LEU A 84 6.54 1.78 18.26
CA LEU A 84 7.99 1.61 18.08
C LEU A 84 8.56 1.54 19.48
N PRO A 85 9.57 0.69 19.71
CA PRO A 85 10.19 0.62 21.01
C PRO A 85 11.04 1.89 21.20
N ALA A 86 11.42 2.11 22.44
CA ALA A 86 12.30 3.26 22.72
C ALA A 86 13.72 3.00 22.18
N HIS A 87 14.51 4.07 22.17
CA HIS A 87 15.96 4.08 21.82
C HIS A 87 16.20 3.85 20.31
N LEU A 88 15.18 3.98 19.47
CA LEU A 88 15.46 3.89 18.02
C LEU A 88 15.71 5.31 17.53
N GLY A 89 15.38 6.31 18.34
CA GLY A 89 15.47 7.64 17.80
C GLY A 89 14.31 8.00 16.90
N VAL A 90 13.35 7.09 16.72
CA VAL A 90 12.10 7.37 16.04
C VAL A 90 11.07 6.88 16.99
N SER A 91 10.12 7.73 17.30
N SER A 91 10.13 7.73 17.32
CA SER A 91 9.12 7.41 18.29
CA SER A 91 9.13 7.39 18.30
C SER A 91 7.74 7.44 17.66
C SER A 91 7.77 7.41 17.64
N GLY A 92 6.88 6.65 18.19
CA GLY A 92 5.51 6.74 17.78
C GLY A 92 5.05 5.38 17.41
N VAL A 93 4.06 5.37 16.56
CA VAL A 93 3.41 4.13 16.14
C VAL A 93 3.45 4.06 14.65
N VAL A 94 3.64 2.85 14.19
CA VAL A 94 3.53 2.61 12.78
C VAL A 94 2.07 2.36 12.48
N LEU A 95 1.56 3.01 11.48
CA LEU A 95 0.16 2.82 11.11
C LEU A 95 0.11 1.71 10.10
N ALA A 96 -0.06 0.49 10.58
CA ALA A 96 0.13 -0.63 9.68
C ALA A 96 -0.87 -0.63 8.57
N ASP A 97 -2.05 -0.09 8.79
CA ASP A 97 -3.05 -0.17 7.75
C ASP A 97 -2.85 0.90 6.70
N HIS A 98 -1.91 1.82 6.88
CA HIS A 98 -1.70 2.91 5.94
C HIS A 98 -0.54 2.65 5.05
N CYS A 99 -0.17 1.41 4.93
CA CYS A 99 0.94 1.07 4.04
C CYS A 99 0.59 1.46 2.61
N ARG A 100 1.57 1.98 1.90
CA ARG A 100 1.30 2.23 0.48
C ARG A 100 2.61 2.21 -0.30
N SER A 101 2.41 1.99 -1.58
CA SER A 101 3.45 2.10 -2.60
C SER A 101 3.80 3.58 -2.67
N LEU A 102 5.07 3.86 -2.45
CA LEU A 102 5.56 5.20 -2.34
C LEU A 102 6.80 5.36 -3.21
N ASP A 103 6.88 6.44 -3.96
CA ASP A 103 8.11 6.79 -4.64
C ASP A 103 9.00 7.45 -3.63
N TRP A 104 9.97 6.70 -3.18
CA TRP A 104 10.77 7.18 -2.02
C TRP A 104 11.78 8.25 -2.41
N ARG A 105 12.09 8.39 -3.68
CA ARG A 105 12.97 9.50 -4.08
C ARG A 105 12.14 10.77 -4.16
N SER A 106 10.96 10.66 -4.76
CA SER A 106 10.08 11.84 -4.89
C SER A 106 9.70 12.32 -3.49
N ARG A 107 9.44 11.38 -2.61
CA ARG A 107 9.01 11.74 -1.27
C ARG A 107 10.16 11.90 -0.31
N ARG A 108 11.40 11.79 -0.83
CA ARG A 108 12.62 12.21 -0.15
C ARG A 108 12.93 11.39 1.07
N ALA A 109 12.95 10.08 0.89
CA ALA A 109 13.26 9.19 2.00
C ALA A 109 14.64 9.49 2.56
N GLU A 110 14.74 9.53 3.86
CA GLU A 110 16.02 9.74 4.55
C GLU A 110 16.09 8.66 5.59
N GLN A 111 17.17 7.93 5.65
CA GLN A 111 17.25 6.84 6.58
C GLN A 111 17.32 7.40 7.99
N LEU A 112 16.56 6.84 8.89
CA LEU A 112 16.59 7.27 10.28
C LEU A 112 17.04 6.20 11.22
N ALA A 113 16.61 4.97 11.04
CA ALA A 113 16.79 3.92 12.02
C ALA A 113 16.36 2.64 11.40
N GLU A 114 16.39 1.58 12.18
CA GLU A 114 15.95 0.28 11.75
C GLU A 114 15.00 -0.20 12.83
N ALA A 115 13.88 -0.64 12.44
CA ALA A 115 12.96 -1.13 13.42
C ALA A 115 13.34 -2.55 13.75
N PRO A 116 13.02 -3.00 14.94
CA PRO A 116 13.36 -4.38 15.30
C PRO A 116 12.43 -5.33 14.57
N ALA A 117 12.91 -6.55 14.43
CA ALA A 117 12.15 -7.57 13.74
C ALA A 117 10.76 -7.74 14.30
N ASP A 118 10.55 -7.58 15.61
CA ASP A 118 9.21 -7.82 16.12
C ASP A 118 8.26 -6.74 15.66
N VAL A 119 8.72 -5.50 15.53
CA VAL A 119 7.86 -4.46 15.00
C VAL A 119 7.49 -4.79 13.58
N LEU A 120 8.48 -5.16 12.77
N LEU A 120 8.48 -5.19 12.81
CA LEU A 120 8.20 -5.50 11.38
CA LEU A 120 8.26 -5.46 11.42
C LEU A 120 7.21 -6.62 11.33
C LEU A 120 7.32 -6.64 11.26
N ALA A 121 7.43 -7.65 12.12
CA ALA A 121 6.55 -8.77 12.05
C ALA A 121 5.14 -8.39 12.47
N GLU A 122 5.02 -7.51 13.47
CA GLU A 122 3.67 -7.16 13.92
C GLU A 122 3.00 -6.31 12.87
N VAL A 123 3.74 -5.40 12.26
CA VAL A 123 3.16 -4.58 11.21
C VAL A 123 2.74 -5.45 10.07
N ARG A 124 3.59 -6.39 9.68
CA ARG A 124 3.25 -7.24 8.57
C ARG A 124 2.06 -8.10 8.89
N GLY A 125 1.95 -8.58 10.12
CA GLY A 125 0.83 -9.42 10.40
C GLY A 125 -0.46 -8.63 10.35
N LYS A 126 -0.41 -7.40 10.84
CA LYS A 126 -1.58 -6.57 10.85
C LYS A 126 -1.95 -6.16 9.44
N LEU A 127 -0.96 -5.73 8.68
CA LEU A 127 -1.25 -5.31 7.32
C LEU A 127 -1.73 -6.51 6.55
N GLY A 128 -1.15 -7.66 6.78
CA GLY A 128 -1.59 -8.81 6.03
C GLY A 128 -3.04 -9.14 6.31
N SER A 129 -3.47 -8.93 7.55
CA SER A 129 -4.87 -9.16 7.84
C SER A 129 -5.72 -8.16 7.08
N LEU A 130 -5.28 -6.90 7.01
CA LEU A 130 -6.00 -5.90 6.27
C LEU A 130 -6.11 -6.27 4.81
N LEU A 131 -5.04 -6.81 4.25
CA LEU A 131 -4.98 -7.09 2.83
C LEU A 131 -5.60 -8.42 2.51
N GLY A 132 -6.04 -9.18 3.50
CA GLY A 132 -6.77 -10.40 3.19
C GLY A 132 -5.84 -11.56 2.98
N MET A 133 -4.64 -11.51 3.52
N MET A 133 -4.61 -11.47 3.45
CA MET A 133 -3.70 -12.59 3.38
CA MET A 133 -3.58 -12.47 3.21
C MET A 133 -3.80 -13.49 4.60
C MET A 133 -4.02 -13.78 3.86
N ASP B 24 -24.39 4.44 -1.65
CA ASP B 24 -23.91 3.81 -0.40
C ASP B 24 -22.98 2.64 -0.77
N TYR B 25 -22.34 2.72 -1.92
CA TYR B 25 -21.43 1.64 -2.33
C TYR B 25 -20.16 1.73 -1.50
N VAL B 26 -19.79 0.61 -0.88
CA VAL B 26 -18.53 0.49 -0.18
C VAL B 26 -17.75 -0.58 -0.91
N PRO B 27 -16.55 -0.27 -1.40
CA PRO B 27 -15.78 -1.29 -2.09
C PRO B 27 -15.49 -2.44 -1.16
N ASP B 28 -15.50 -3.63 -1.74
CA ASP B 28 -15.18 -4.84 -0.95
C ASP B 28 -13.98 -5.52 -1.59
N ALA B 29 -13.39 -6.42 -0.86
CA ALA B 29 -12.22 -7.16 -1.33
C ALA B 29 -12.61 -7.90 -2.61
N GLY B 30 -11.78 -7.74 -3.62
CA GLY B 30 -12.02 -8.40 -4.86
C GLY B 30 -12.76 -7.55 -5.84
N HIS B 31 -13.35 -6.48 -5.41
CA HIS B 31 -13.98 -5.59 -6.36
C HIS B 31 -12.93 -4.92 -7.20
N LEU B 32 -13.30 -4.67 -8.43
CA LEU B 32 -12.55 -3.78 -9.28
C LEU B 32 -13.34 -2.51 -9.31
N VAL B 33 -12.74 -1.44 -9.01
CA VAL B 33 -13.41 -0.17 -9.02
C VAL B 33 -12.62 0.78 -9.86
N TRP B 34 -13.28 1.78 -10.41
N TRP B 34 -13.29 1.72 -10.52
CA TRP B 34 -12.59 2.85 -11.08
CA TRP B 34 -12.57 2.83 -11.06
C TRP B 34 -12.21 3.90 -10.05
C TRP B 34 -12.14 3.69 -9.92
N LEU B 35 -10.98 4.32 -10.05
CA LEU B 35 -10.49 5.14 -8.97
C LEU B 35 -9.48 6.08 -9.55
N ASN B 36 -9.38 7.25 -9.01
CA ASN B 36 -8.33 8.15 -9.44
C ASN B 36 -7.11 7.89 -8.57
N PHE B 37 -6.04 7.40 -9.21
CA PHE B 37 -4.76 7.20 -8.51
C PHE B 37 -3.98 8.50 -8.40
N THR B 38 -4.52 9.54 -9.03
CA THR B 38 -3.98 10.90 -8.84
C THR B 38 -4.83 11.49 -7.71
N PRO B 39 -4.28 12.14 -6.68
CA PRO B 39 -2.88 12.52 -6.60
C PRO B 39 -1.91 11.40 -6.22
N GLN B 40 -0.73 11.53 -6.77
CA GLN B 40 0.37 10.59 -6.52
C GLN B 40 1.68 11.36 -6.60
N ALA B 41 2.77 10.69 -6.29
CA ALA B 41 4.07 11.35 -6.41
C ALA B 41 4.96 10.49 -7.30
N GLY B 42 5.67 11.15 -8.20
CA GLY B 42 6.76 10.46 -8.89
C GLY B 42 6.25 9.31 -9.69
N HIS B 43 6.85 8.17 -9.50
CA HIS B 43 6.54 6.97 -10.24
C HIS B 43 5.38 6.21 -9.69
N GLU B 44 4.74 6.72 -8.65
CA GLU B 44 3.55 6.04 -8.19
C GLU B 44 2.52 6.10 -9.27
N GLN B 45 1.71 5.08 -9.32
CA GLN B 45 0.71 5.08 -10.36
C GLN B 45 -0.24 6.24 -10.15
N GLY B 46 -0.59 6.90 -11.23
CA GLY B 46 -1.57 7.95 -11.20
C GLY B 46 -2.68 7.63 -12.16
N GLY B 47 -3.60 8.56 -12.27
CA GLY B 47 -4.63 8.48 -13.28
C GLY B 47 -5.82 7.69 -12.82
N ARG B 48 -6.93 7.91 -13.52
N ARG B 48 -6.95 7.95 -13.47
CA ARG B 48 -8.15 7.18 -13.28
CA ARG B 48 -8.15 7.19 -13.21
C ARG B 48 -8.07 5.85 -13.98
C ARG B 48 -8.06 5.86 -13.95
N ARG B 49 -8.33 4.78 -13.25
CA ARG B 49 -8.12 3.46 -13.79
C ARG B 49 -8.79 2.51 -12.85
N PRO B 50 -8.94 1.28 -13.24
CA PRO B 50 -9.46 0.29 -12.30
C PRO B 50 -8.46 0.05 -11.19
N ALA B 51 -9.01 -0.48 -10.13
CA ALA B 51 -8.22 -0.79 -8.96
C ALA B 51 -8.84 -2.04 -8.41
N LEU B 52 -8.00 -2.97 -8.01
CA LEU B 52 -8.44 -4.18 -7.36
C LEU B 52 -8.35 -3.95 -5.87
N VAL B 53 -9.47 -4.06 -5.22
CA VAL B 53 -9.58 -3.78 -3.80
C VAL B 53 -9.17 -5.00 -3.04
N LEU B 54 -8.25 -4.85 -2.09
CA LEU B 54 -7.84 -5.99 -1.32
C LEU B 54 -8.41 -6.00 0.08
N SER B 55 -8.66 -4.85 0.64
CA SER B 55 -9.18 -4.80 2.00
C SER B 55 -10.67 -5.01 1.96
N PRO B 56 -11.24 -5.48 3.05
CA PRO B 56 -12.64 -5.82 3.04
C PRO B 56 -13.48 -4.59 3.28
N ALA B 57 -14.74 -4.72 2.86
CA ALA B 57 -15.64 -3.61 3.02
C ALA B 57 -15.80 -3.18 4.47
N ALA B 58 -15.66 -4.10 5.41
CA ALA B 58 -15.80 -3.69 6.80
C ALA B 58 -14.75 -2.67 7.18
N TYR B 59 -13.53 -2.85 6.70
CA TYR B 59 -12.51 -1.82 6.93
C TYR B 59 -12.78 -0.62 6.06
N ASN B 60 -13.12 -0.88 4.81
CA ASN B 60 -13.22 0.22 3.89
C ASN B 60 -14.32 1.15 4.28
N GLY B 61 -15.39 0.58 4.83
CA GLY B 61 -16.53 1.36 5.21
C GLY B 61 -16.37 2.06 6.51
N VAL B 62 -15.51 1.54 7.39
CA VAL B 62 -15.35 2.22 8.65
C VAL B 62 -14.31 3.29 8.56
N THR B 63 -13.45 3.23 7.55
CA THR B 63 -12.38 4.21 7.49
C THR B 63 -12.49 5.13 6.32
N GLY B 64 -13.23 4.75 5.29
CA GLY B 64 -13.16 5.53 4.08
C GLY B 64 -11.89 5.31 3.28
N LEU B 65 -11.10 4.37 3.72
CA LEU B 65 -9.86 4.02 3.06
C LEU B 65 -10.00 2.62 2.58
N MET B 66 -9.11 2.23 1.70
CA MET B 66 -9.02 0.84 1.30
C MET B 66 -7.61 0.62 0.84
N GLN B 67 -7.23 -0.59 0.79
CA GLN B 67 -5.99 -0.97 0.14
C GLN B 67 -6.40 -1.52 -1.20
N ALA B 68 -5.83 -0.98 -2.24
CA ALA B 68 -6.17 -1.45 -3.57
C ALA B 68 -4.96 -1.29 -4.47
N CYS B 69 -4.95 -2.11 -5.49
CA CYS B 69 -3.87 -2.08 -6.46
C CYS B 69 -4.40 -1.52 -7.76
N PRO B 70 -3.67 -0.66 -8.39
CA PRO B 70 -4.11 -0.09 -9.66
C PRO B 70 -3.98 -1.10 -10.75
N VAL B 71 -4.81 -0.91 -11.75
CA VAL B 71 -4.76 -1.69 -12.97
C VAL B 71 -4.26 -0.76 -14.05
N THR B 72 -3.39 -1.28 -14.89
CA THR B 72 -2.90 -0.50 -16.01
C THR B 72 -3.02 -1.31 -17.28
N SER B 73 -3.18 -0.57 -18.36
CA SER B 73 -3.20 -1.21 -19.68
C SER B 73 -1.75 -1.27 -20.20
N ARG B 74 -0.85 -0.54 -19.57
CA ARG B 74 0.56 -0.49 -20.00
C ARG B 74 1.32 -1.60 -19.30
N ALA B 75 0.89 -2.80 -19.58
CA ALA B 75 1.52 -3.95 -18.97
C ALA B 75 2.93 -4.09 -19.48
N LYS B 76 3.85 -4.25 -18.57
CA LYS B 76 5.23 -4.53 -18.96
C LYS B 76 5.52 -6.01 -18.95
N GLY B 77 4.55 -6.83 -18.62
CA GLY B 77 4.66 -8.27 -18.66
C GLY B 77 5.36 -8.89 -17.46
N TYR B 78 5.74 -8.09 -16.49
CA TYR B 78 6.48 -8.60 -15.37
C TYR B 78 5.60 -9.38 -14.44
N PRO B 79 6.20 -10.24 -13.64
CA PRO B 79 5.37 -11.16 -12.87
C PRO B 79 4.47 -10.52 -11.84
N PHE B 80 4.79 -9.31 -11.37
N PHE B 80 4.81 -9.33 -11.39
CA PHE B 80 3.88 -8.68 -10.42
CA PHE B 80 3.95 -8.68 -10.42
C PHE B 80 2.61 -8.23 -11.06
C PHE B 80 2.77 -8.01 -11.07
N GLU B 81 2.58 -8.17 -12.38
CA GLU B 81 1.34 -7.80 -13.05
C GLU B 81 0.46 -9.02 -13.11
N VAL B 82 -0.75 -8.89 -12.65
CA VAL B 82 -1.67 -10.00 -12.64
C VAL B 82 -2.74 -9.72 -13.67
N THR B 83 -2.84 -10.59 -14.64
CA THR B 83 -3.75 -10.28 -15.71
C THR B 83 -5.19 -10.53 -15.25
N LEU B 84 -6.08 -9.72 -15.81
CA LEU B 84 -7.52 -9.87 -15.51
C LEU B 84 -8.11 -10.75 -16.61
N PRO B 85 -8.96 -11.74 -16.28
CA PRO B 85 -9.59 -12.56 -17.29
C PRO B 85 -10.44 -11.66 -18.18
N ALA B 86 -10.41 -11.91 -19.48
CA ALA B 86 -11.12 -11.08 -20.48
C ALA B 86 -12.63 -10.98 -20.18
N HIS B 87 -13.18 -11.96 -19.48
CA HIS B 87 -14.65 -11.99 -19.23
C HIS B 87 -15.12 -10.78 -18.40
N LEU B 88 -14.28 -10.28 -17.49
CA LEU B 88 -14.65 -9.13 -16.63
C LEU B 88 -14.90 -7.85 -17.42
N GLY B 89 -14.26 -7.67 -18.58
CA GLY B 89 -14.49 -6.42 -19.34
C GLY B 89 -13.67 -5.31 -18.75
N VAL B 90 -12.56 -5.67 -18.11
CA VAL B 90 -11.69 -4.68 -17.52
C VAL B 90 -10.35 -4.92 -18.17
N SER B 91 -9.88 -3.97 -18.93
CA SER B 91 -8.64 -4.24 -19.61
C SER B 91 -7.49 -3.99 -18.63
N GLY B 92 -6.40 -4.66 -18.88
CA GLY B 92 -5.18 -4.35 -18.19
C GLY B 92 -4.82 -5.39 -17.15
N VAL B 93 -3.79 -5.07 -16.42
CA VAL B 93 -3.23 -5.95 -15.43
C VAL B 93 -3.24 -5.22 -14.12
N VAL B 94 -3.38 -6.00 -13.09
CA VAL B 94 -3.30 -5.47 -11.74
C VAL B 94 -1.83 -5.39 -11.37
N LEU B 95 -1.42 -4.23 -10.92
CA LEU B 95 -0.05 -4.05 -10.49
C LEU B 95 -0.01 -4.38 -9.01
N ALA B 96 0.30 -5.62 -8.74
CA ALA B 96 0.20 -6.12 -7.39
C ALA B 96 1.08 -5.36 -6.45
N ASP B 97 2.22 -4.92 -6.91
CA ASP B 97 3.18 -4.26 -6.03
C ASP B 97 2.79 -2.82 -5.77
N HIS B 98 1.80 -2.29 -6.45
CA HIS B 98 1.47 -0.89 -6.33
C HIS B 98 0.32 -0.69 -5.39
N CYS B 99 0.06 -1.67 -4.55
CA CYS B 99 -1.04 -1.53 -3.59
C CYS B 99 -0.85 -0.29 -2.72
N ARG B 100 -1.93 0.42 -2.52
CA ARG B 100 -1.83 1.64 -1.69
C ARG B 100 -3.08 1.76 -0.84
N SER B 101 -2.89 2.41 0.28
CA SER B 101 -3.99 2.91 1.12
C SER B 101 -4.58 4.08 0.32
N LEU B 102 -5.87 4.05 0.07
CA LEU B 102 -6.51 5.01 -0.79
C LEU B 102 -7.79 5.45 -0.15
N ASP B 103 -8.03 6.75 -0.19
CA ASP B 103 -9.31 7.28 0.20
C ASP B 103 -10.22 7.13 -1.01
N TRP B 104 -11.06 6.13 -0.93
CA TRP B 104 -11.80 5.75 -2.12
C TRP B 104 -12.97 6.64 -2.37
N ARG B 105 -13.34 7.48 -1.42
CA ARG B 105 -14.34 8.49 -1.73
C ARG B 105 -13.70 9.68 -2.37
N SER B 106 -12.57 10.12 -1.84
CA SER B 106 -11.90 11.24 -2.43
C SER B 106 -11.49 10.93 -3.86
N ARG B 107 -11.11 9.70 -4.10
CA ARG B 107 -10.62 9.27 -5.39
C ARG B 107 -11.72 8.72 -6.24
N ARG B 108 -12.96 8.85 -5.74
CA ARG B 108 -14.16 8.66 -6.52
C ARG B 108 -14.28 7.24 -7.02
N ALA B 109 -14.20 6.30 -6.11
CA ALA B 109 -14.36 4.92 -6.48
C ALA B 109 -15.72 4.68 -7.09
N GLU B 110 -15.73 3.90 -8.16
CA GLU B 110 -16.99 3.55 -8.83
C GLU B 110 -16.91 2.05 -9.09
N GLN B 111 -17.94 1.30 -8.71
CA GLN B 111 -17.82 -0.15 -8.95
C GLN B 111 -17.76 -0.45 -10.45
N LEU B 112 -16.92 -1.39 -10.81
CA LEU B 112 -16.73 -1.76 -12.22
C LEU B 112 -17.04 -3.25 -12.35
N ALA B 113 -16.43 -4.06 -11.49
CA ALA B 113 -16.61 -5.52 -11.59
C ALA B 113 -16.09 -6.17 -10.32
N GLU B 114 -16.00 -7.49 -10.37
CA GLU B 114 -15.46 -8.26 -9.28
C GLU B 114 -14.43 -9.20 -9.86
N ALA B 115 -13.28 -9.20 -9.31
CA ALA B 115 -12.28 -10.09 -9.83
C ALA B 115 -12.51 -11.49 -9.30
N PRO B 116 -12.08 -12.50 -10.04
CA PRO B 116 -12.18 -13.86 -9.54
C PRO B 116 -11.24 -14.07 -8.37
N ALA B 117 -11.60 -15.05 -7.53
CA ALA B 117 -10.79 -15.38 -6.38
C ALA B 117 -9.35 -15.66 -6.75
N ASP B 118 -9.08 -16.29 -7.89
CA ASP B 118 -7.71 -16.62 -8.18
C ASP B 118 -6.87 -15.38 -8.48
N VAL B 119 -7.48 -14.36 -9.08
CA VAL B 119 -6.74 -13.10 -9.35
C VAL B 119 -6.43 -12.46 -8.00
N LEU B 120 -7.42 -12.43 -7.12
CA LEU B 120 -7.22 -11.81 -5.79
C LEU B 120 -6.14 -12.59 -5.04
N ALA B 121 -6.15 -13.91 -5.11
CA ALA B 121 -5.14 -14.74 -4.43
C ALA B 121 -3.75 -14.48 -5.04
N GLU B 122 -3.66 -14.37 -6.36
CA GLU B 122 -2.37 -14.16 -6.97
C GLU B 122 -1.84 -12.79 -6.62
N VAL B 123 -2.72 -11.80 -6.64
CA VAL B 123 -2.25 -10.46 -6.30
C VAL B 123 -1.80 -10.46 -4.85
N ARG B 124 -2.57 -11.09 -3.98
CA ARG B 124 -2.18 -11.10 -2.55
C ARG B 124 -0.89 -11.86 -2.35
N GLY B 125 -0.70 -12.96 -3.07
CA GLY B 125 0.53 -13.68 -2.85
C GLY B 125 1.73 -12.87 -3.30
N LYS B 126 1.59 -12.19 -4.43
CA LYS B 126 2.69 -11.38 -4.91
C LYS B 126 2.91 -10.16 -4.02
N LEU B 127 1.84 -9.47 -3.67
CA LEU B 127 2.02 -8.33 -2.78
C LEU B 127 2.55 -8.80 -1.44
N GLY B 128 2.11 -9.95 -0.96
CA GLY B 128 2.62 -10.44 0.31
C GLY B 128 4.09 -10.69 0.26
N SER B 129 4.58 -11.22 -0.88
N SER B 129 4.54 -11.23 -0.85
CA SER B 129 6.02 -11.43 -1.02
CA SER B 129 5.93 -11.44 -1.04
C SER B 129 6.75 -10.09 -1.04
C SER B 129 6.67 -10.11 -0.97
N LEU B 130 6.14 -9.08 -1.65
CA LEU B 130 6.76 -7.79 -1.67
C LEU B 130 6.85 -7.22 -0.26
N LEU B 131 5.80 -7.40 0.53
CA LEU B 131 5.75 -6.80 1.82
C LEU B 131 6.51 -7.60 2.85
N GLY B 132 7.10 -8.72 2.43
CA GLY B 132 7.93 -9.48 3.33
C GLY B 132 7.13 -10.37 4.24
N MET B 133 5.91 -10.75 3.84
N MET B 133 5.94 -10.77 3.82
CA MET B 133 5.01 -11.52 4.71
CA MET B 133 5.12 -11.68 4.58
C MET B 133 5.56 -12.91 5.07
C MET B 133 5.36 -13.12 4.11
#